data_4D7T
#
_entry.id   4D7T
#
_cell.length_a   87.439
_cell.length_b   87.439
_cell.length_c   79.468
_cell.angle_alpha   90.00
_cell.angle_beta   90.00
_cell.angle_gamma   90.00
#
_symmetry.space_group_name_H-M   'P 4'
#
loop_
_entity.id
_entity.type
_entity.pdbx_description
1 polymer STHK_CNBD_CAMP
2 non-polymer "ADENOSINE-3',5'-CYCLIC-MONOPHOSPHATE"
3 water water
#
_entity_poly.entity_id   1
_entity_poly.type   'polypeptide(L)'
_entity_poly.pdbx_seq_one_letter_code
;DAAKLLHRERMERVTAFLSYKKISPELQRRILEYFDYLWETRRGYEEREVLKELPHPLRLAVAMEIHGDVIEKVPLFKGA
GEDFIRDIILHLEPVIYGPGEYIIRAGELGSDVYFINRGSVEVLSADEKTRYAILSEGQFFGEMALILRAPRTATVRART
FCDLYRLDKETFDRILSRYPEIAAQIQELAVRRKEELE
;
_entity_poly.pdbx_strand_id   A,B
#
# COMPACT_ATOMS: atom_id res chain seq x y z
N ASP A 1 18.31 31.89 12.41
CA ASP A 1 17.76 30.59 12.83
C ASP A 1 18.79 29.49 12.72
N ALA A 2 19.95 29.69 13.33
CA ALA A 2 20.93 28.62 13.46
C ALA A 2 20.43 27.61 14.48
N ALA A 3 19.52 28.08 15.34
CA ALA A 3 18.82 27.22 16.28
C ALA A 3 18.13 26.08 15.53
N LYS A 4 17.22 26.46 14.63
CA LYS A 4 16.54 25.52 13.75
C LYS A 4 17.55 24.68 12.95
N LEU A 5 18.69 25.28 12.62
CA LEU A 5 19.75 24.55 11.93
C LEU A 5 20.45 23.60 12.89
N LEU A 6 20.84 24.13 14.06
CA LEU A 6 21.42 23.31 15.11
C LEU A 6 20.50 22.15 15.44
N HIS A 7 19.21 22.44 15.61
CA HIS A 7 18.21 21.42 15.90
C HIS A 7 18.21 20.32 14.84
N ARG A 8 18.13 20.73 13.57
CA ARG A 8 18.14 19.76 12.47
C ARG A 8 19.52 19.12 12.35
N GLU A 9 20.54 19.80 12.88
CA GLU A 9 21.89 19.25 12.93
C GLU A 9 22.00 18.20 14.03
N ARG A 10 21.60 18.56 15.25
CA ARG A 10 21.70 17.65 16.40
C ARG A 10 20.68 16.51 16.34
N MET A 11 20.29 16.11 15.13
CA MET A 11 19.41 14.97 14.95
C MET A 11 19.85 14.13 13.75
N GLU A 12 20.52 14.78 12.79
CA GLU A 12 21.10 14.05 11.67
C GLU A 12 22.26 13.18 12.15
N ARG A 13 22.91 13.59 13.24
CA ARG A 13 23.91 12.77 13.90
C ARG A 13 23.29 11.45 14.34
N VAL A 14 22.18 11.56 15.07
CA VAL A 14 21.40 10.38 15.45
C VAL A 14 20.89 9.66 14.19
N THR A 15 20.38 10.43 13.23
CA THR A 15 19.81 9.87 12.00
C THR A 15 20.86 9.13 11.17
N ALA A 16 22.03 9.74 10.99
CA ALA A 16 23.14 9.08 10.26
C ALA A 16 23.56 7.78 10.94
N PHE A 17 23.73 7.84 12.26
CA PHE A 17 24.13 6.67 13.04
C PHE A 17 23.12 5.53 12.92
N LEU A 18 21.83 5.87 13.00
CA LEU A 18 20.76 4.88 12.94
C LEU A 18 20.58 4.32 11.53
N SER A 19 20.84 5.14 10.52
CA SER A 19 20.85 4.68 9.14
C SER A 19 21.96 3.67 8.93
N TYR A 20 23.12 3.96 9.50
CA TYR A 20 24.28 3.08 9.45
C TYR A 20 24.05 1.79 10.21
N LYS A 21 23.32 1.86 11.33
CA LYS A 21 23.01 0.67 12.12
C LYS A 21 21.85 -0.11 11.50
N LYS A 22 21.37 0.39 10.36
CA LYS A 22 20.31 -0.27 9.60
C LYS A 22 19.06 -0.57 10.41
N ILE A 23 18.50 0.47 11.04
CA ILE A 23 17.24 0.33 11.76
C ILE A 23 16.07 0.35 10.79
N SER A 24 14.91 -0.16 11.22
CA SER A 24 13.72 -0.17 10.38
C SER A 24 13.16 1.23 10.17
N PRO A 25 12.49 1.45 9.02
CA PRO A 25 11.89 2.75 8.72
C PRO A 25 10.77 3.15 9.69
N GLU A 26 10.04 2.18 10.24
CA GLU A 26 9.01 2.45 11.23
C GLU A 26 9.63 3.09 12.46
N LEU A 27 10.70 2.46 12.96
CA LEU A 27 11.46 3.00 14.09
C LEU A 27 12.07 4.35 13.73
N GLN A 28 12.72 4.40 12.56
CA GLN A 28 13.33 5.62 12.07
C GLN A 28 12.33 6.77 12.05
N ARG A 29 11.10 6.46 11.65
CA ARG A 29 10.01 7.43 11.60
C ARG A 29 9.62 7.93 12.99
N ARG A 30 9.58 7.01 13.97
CA ARG A 30 9.28 7.36 15.35
C ARG A 30 10.33 8.32 15.90
N ILE A 31 11.57 8.14 15.47
CA ILE A 31 12.66 9.02 15.89
C ILE A 31 12.43 10.43 15.36
N LEU A 32 12.10 10.54 14.08
CA LEU A 32 11.89 11.83 13.41
C LEU A 32 10.72 12.60 14.01
N GLU A 33 9.60 11.93 14.23
CA GLU A 33 8.41 12.56 14.78
C GLU A 33 8.63 13.00 16.23
N TYR A 34 9.47 12.26 16.96
CA TYR A 34 9.86 12.70 18.28
C TYR A 34 10.61 14.03 18.21
N PHE A 35 11.65 14.07 17.37
CA PHE A 35 12.49 15.26 17.25
C PHE A 35 11.68 16.46 16.75
N ASP A 36 10.65 16.20 15.95
CA ASP A 36 9.75 17.26 15.49
C ASP A 36 8.92 17.79 16.65
N TYR A 37 8.29 16.87 17.40
CA TYR A 37 7.52 17.25 18.57
C TYR A 37 8.42 17.96 19.58
N LEU A 38 9.66 17.47 19.70
CA LEU A 38 10.66 18.09 20.56
C LEU A 38 10.95 19.54 20.14
N TRP A 39 11.10 19.77 18.84
CA TRP A 39 11.37 21.12 18.34
C TRP A 39 10.19 22.06 18.54
N GLU A 40 9.00 21.62 18.16
CA GLU A 40 7.82 22.48 18.18
C GLU A 40 7.37 22.82 19.61
N THR A 41 7.65 21.92 20.55
CA THR A 41 7.26 22.14 21.94
C THR A 41 8.35 22.78 22.79
N ARG A 42 9.58 22.87 22.28
CA ARG A 42 10.70 23.38 23.09
C ARG A 42 11.62 24.36 22.33
N ARG A 43 11.48 24.41 21.01
CA ARG A 43 12.18 25.39 20.16
C ARG A 43 13.70 25.39 20.30
N GLY A 44 14.28 24.23 20.62
CA GLY A 44 15.72 24.08 20.64
C GLY A 44 16.41 24.42 21.95
N TYR A 45 15.66 24.95 22.90
CA TYR A 45 16.23 25.25 24.21
C TYR A 45 16.29 24.00 25.08
N GLU A 46 17.22 24.00 26.03
CA GLU A 46 17.38 22.88 26.95
C GLU A 46 17.35 23.42 28.38
N GLU A 47 16.17 23.39 28.98
CA GLU A 47 15.91 24.01 30.28
C GLU A 47 16.99 23.73 31.33
N ARG A 48 17.54 22.52 31.27
CA ARG A 48 18.61 22.12 32.18
C ARG A 48 19.87 22.96 31.94
N GLU A 49 20.42 22.87 30.73
CA GLU A 49 21.66 23.57 30.38
C GLU A 49 21.58 25.10 30.44
N VAL A 50 20.42 25.66 30.12
CA VAL A 50 20.27 27.12 30.07
C VAL A 50 20.14 27.74 31.47
N LEU A 51 19.60 26.98 32.41
CA LEU A 51 19.33 27.50 33.74
C LEU A 51 20.29 26.97 34.81
N LYS A 52 21.30 26.20 34.39
CA LYS A 52 22.18 25.50 35.32
C LYS A 52 22.95 26.41 36.29
N GLU A 53 23.54 27.49 35.78
CA GLU A 53 24.32 28.38 36.64
C GLU A 53 23.47 29.42 37.35
N LEU A 54 22.17 29.19 37.44
CA LEU A 54 21.28 30.07 38.19
C LEU A 54 21.28 29.70 39.67
N PRO A 55 21.20 30.72 40.56
CA PRO A 55 21.02 30.46 41.99
C PRO A 55 19.69 29.75 42.26
N HIS A 56 19.62 28.97 43.34
CA HIS A 56 18.40 28.23 43.69
C HIS A 56 17.13 29.09 43.76
N PRO A 57 17.17 30.25 44.46
CA PRO A 57 15.92 31.00 44.57
C PRO A 57 15.44 31.61 43.25
N LEU A 58 16.30 31.67 42.24
CA LEU A 58 15.89 32.11 40.91
C LEU A 58 15.35 30.93 40.10
N ARG A 59 16.02 29.79 40.21
CA ARG A 59 15.54 28.54 39.62
C ARG A 59 14.13 28.25 40.12
N LEU A 60 13.86 28.67 41.35
CA LEU A 60 12.57 28.47 42.00
C LEU A 60 11.51 29.43 41.46
N ALA A 61 11.91 30.67 41.22
CA ALA A 61 10.99 31.68 40.69
C ALA A 61 10.61 31.42 39.23
N VAL A 62 11.60 31.06 38.42
CA VAL A 62 11.37 30.71 37.02
C VAL A 62 10.43 29.50 36.89
N ALA A 63 10.68 28.48 37.72
CA ALA A 63 9.92 27.24 37.68
C ALA A 63 8.43 27.46 37.95
N MET A 64 8.10 28.33 38.91
CA MET A 64 6.72 28.61 39.27
C MET A 64 5.99 29.33 38.14
N GLU A 65 6.74 30.05 37.30
CA GLU A 65 6.15 30.77 36.17
C GLU A 65 6.03 29.89 34.93
N ILE A 66 7.10 29.18 34.60
CA ILE A 66 7.13 28.41 33.34
C ILE A 66 6.54 27.01 33.49
N HIS A 67 6.51 26.49 34.72
CA HIS A 67 5.88 25.20 34.98
C HIS A 67 4.65 25.38 35.87
N GLY A 68 4.06 26.57 35.81
CA GLY A 68 2.84 26.85 36.55
C GLY A 68 1.61 26.23 35.91
N ASP A 69 1.63 26.09 34.58
CA ASP A 69 0.50 25.53 33.83
C ASP A 69 0.01 24.21 34.42
N VAL A 70 0.93 23.30 34.71
CA VAL A 70 0.62 22.05 35.39
C VAL A 70 -0.14 22.30 36.69
N ILE A 71 0.38 23.22 37.50
CA ILE A 71 -0.12 23.44 38.84
C ILE A 71 -1.50 24.11 38.83
N GLU A 72 -1.79 24.91 37.80
CA GLU A 72 -3.07 25.60 37.72
C GLU A 72 -4.15 24.69 37.15
N LYS A 73 -3.76 23.76 36.28
CA LYS A 73 -4.73 22.89 35.62
C LYS A 73 -4.96 21.56 36.36
N VAL A 74 -4.32 21.38 37.51
CA VAL A 74 -4.64 20.25 38.39
C VAL A 74 -5.61 20.73 39.47
N PRO A 75 -6.91 20.45 39.29
CA PRO A 75 -8.01 21.04 40.07
C PRO A 75 -8.06 20.64 41.56
N LEU A 76 -7.03 19.96 42.05
CA LEU A 76 -6.91 19.71 43.48
C LEU A 76 -5.56 20.22 43.99
N PHE A 77 -4.89 21.03 43.16
CA PHE A 77 -3.66 21.69 43.55
C PHE A 77 -3.91 23.19 43.73
N LYS A 78 -5.17 23.54 44.02
CA LYS A 78 -5.54 24.88 44.44
C LYS A 78 -5.92 24.82 45.92
N GLY A 79 -5.93 25.96 46.59
CA GLY A 79 -6.06 25.97 48.04
C GLY A 79 -4.86 25.29 48.68
N ALA A 80 -3.84 25.06 47.87
CA ALA A 80 -2.63 24.36 48.30
C ALA A 80 -1.58 25.35 48.78
N GLY A 81 -1.71 26.61 48.36
CA GLY A 81 -0.80 27.65 48.78
C GLY A 81 0.57 27.56 48.12
N GLU A 82 1.34 28.63 48.20
CA GLU A 82 2.64 28.71 47.55
C GLU A 82 3.74 27.96 48.29
N ASP A 83 3.44 27.50 49.50
CA ASP A 83 4.41 26.69 50.22
C ASP A 83 4.45 25.27 49.65
N PHE A 84 3.28 24.68 49.41
CA PHE A 84 3.21 23.36 48.79
C PHE A 84 3.84 23.33 47.40
N ILE A 85 3.53 24.35 46.60
CA ILE A 85 4.14 24.52 45.29
C ILE A 85 5.66 24.56 45.40
N ARG A 86 6.15 25.32 46.37
CA ARG A 86 7.58 25.56 46.58
C ARG A 86 8.39 24.27 46.69
N ASP A 87 7.82 23.28 47.38
CA ASP A 87 8.55 22.04 47.65
C ASP A 87 8.38 21.04 46.50
N ILE A 88 7.53 21.36 45.53
CA ILE A 88 7.21 20.41 44.49
C ILE A 88 7.69 20.86 43.10
N ILE A 89 7.79 22.16 42.89
CA ILE A 89 7.94 22.69 41.55
C ILE A 89 9.29 22.35 40.92
N LEU A 90 10.31 22.13 41.75
CA LEU A 90 11.64 21.79 41.26
C LEU A 90 11.85 20.27 41.21
N HIS A 91 10.84 19.52 41.63
CA HIS A 91 10.91 18.06 41.58
C HIS A 91 9.92 17.50 40.55
N LEU A 92 9.38 18.38 39.73
CA LEU A 92 8.62 17.96 38.57
C LEU A 92 9.54 17.91 37.34
N GLU A 93 9.92 16.70 36.93
CA GLU A 93 10.78 16.53 35.77
C GLU A 93 9.94 16.30 34.52
N PRO A 94 10.11 17.19 33.53
CA PRO A 94 9.36 17.07 32.28
C PRO A 94 9.89 15.92 31.43
N VAL A 95 9.01 15.01 31.03
CA VAL A 95 9.39 13.92 30.14
C VAL A 95 8.43 13.83 28.96
N ILE A 96 8.90 13.30 27.84
CA ILE A 96 8.08 13.17 26.65
C ILE A 96 7.90 11.70 26.25
N TYR A 97 6.65 11.30 26.04
CA TYR A 97 6.37 9.98 25.51
C TYR A 97 5.70 10.10 24.14
N GLY A 98 5.83 9.07 23.32
CA GLY A 98 5.17 9.05 22.02
C GLY A 98 4.01 8.08 22.03
N PRO A 99 3.11 8.21 21.03
CA PRO A 99 1.94 7.34 20.91
C PRO A 99 2.32 5.86 20.83
N GLY A 100 1.77 5.05 21.73
CA GLY A 100 2.05 3.63 21.77
C GLY A 100 3.08 3.25 22.83
N GLU A 101 3.81 4.23 23.34
CA GLU A 101 4.89 3.97 24.27
C GLU A 101 4.39 3.72 25.69
N TYR A 102 4.89 2.65 26.30
CA TYR A 102 4.56 2.32 27.67
C TYR A 102 5.28 3.25 28.65
N ILE A 103 4.51 3.81 29.57
CA ILE A 103 5.03 4.67 30.64
C ILE A 103 5.11 3.85 31.93
N ILE A 104 4.06 3.09 32.20
CA ILE A 104 4.01 2.19 33.34
C ILE A 104 3.52 0.81 32.90
N ARG A 105 4.15 -0.25 33.40
CA ARG A 105 3.65 -1.59 33.22
C ARG A 105 3.17 -2.15 34.55
N ALA A 106 1.99 -2.78 34.55
CA ALA A 106 1.44 -3.35 35.78
C ALA A 106 2.38 -4.42 36.35
N GLY A 107 2.43 -4.52 37.67
CA GLY A 107 3.32 -5.46 38.32
C GLY A 107 4.64 -4.80 38.71
N GLU A 108 5.05 -3.79 37.94
CA GLU A 108 6.28 -3.05 38.23
C GLU A 108 6.23 -2.43 39.64
N LEU A 109 7.39 -2.00 40.13
CA LEU A 109 7.51 -1.57 41.51
C LEU A 109 7.87 -0.09 41.68
N GLY A 110 7.82 0.65 40.58
CA GLY A 110 8.05 2.09 40.64
C GLY A 110 7.04 2.79 41.52
N SER A 111 7.36 3.99 41.97
CA SER A 111 6.45 4.76 42.80
C SER A 111 6.36 6.18 42.28
N ASP A 112 7.15 6.47 41.25
CA ASP A 112 7.11 7.76 40.56
C ASP A 112 5.68 8.07 40.12
N VAL A 113 5.26 9.33 40.27
CA VAL A 113 3.92 9.72 39.84
C VAL A 113 4.01 10.74 38.69
N TYR A 114 3.14 10.60 37.70
CA TYR A 114 3.20 11.43 36.49
C TYR A 114 2.01 12.38 36.40
N PHE A 115 2.29 13.65 36.13
CA PHE A 115 1.23 14.64 35.95
C PHE A 115 1.18 15.05 34.47
N ILE A 116 0.00 14.94 33.87
CA ILE A 116 -0.15 15.22 32.45
C ILE A 116 -0.35 16.72 32.19
N ASN A 117 0.47 17.29 31.30
CA ASN A 117 0.33 18.68 30.90
C ASN A 117 -0.20 18.79 29.47
N ARG A 118 0.16 17.82 28.64
CA ARG A 118 -0.32 17.77 27.27
C ARG A 118 -0.45 16.33 26.76
N GLY A 119 -1.41 16.12 25.87
CA GLY A 119 -1.65 14.79 25.33
C GLY A 119 -2.60 13.96 26.15
N SER A 120 -2.76 12.68 25.77
CA SER A 120 -3.65 11.77 26.48
C SER A 120 -3.03 10.39 26.62
N VAL A 121 -3.31 9.71 27.74
CA VAL A 121 -2.77 8.36 27.96
C VAL A 121 -3.86 7.33 28.24
N GLU A 122 -3.53 6.05 28.04
CA GLU A 122 -4.44 4.94 28.31
C GLU A 122 -4.11 4.25 29.63
N VAL A 123 -5.13 3.96 30.43
CA VAL A 123 -4.95 3.10 31.58
C VAL A 123 -5.48 1.71 31.25
N LEU A 124 -4.59 0.73 31.17
CA LEU A 124 -4.94 -0.62 30.73
C LEU A 124 -4.65 -1.66 31.82
N SER A 125 -5.19 -2.87 31.64
CA SER A 125 -4.84 -4.00 32.49
C SER A 125 -3.60 -4.71 31.94
N ALA A 126 -3.20 -5.80 32.60
CA ALA A 126 -2.04 -6.57 32.16
C ALA A 126 -2.23 -7.14 30.75
N ASP A 127 -3.35 -7.82 30.54
CA ASP A 127 -3.67 -8.38 29.23
C ASP A 127 -3.99 -7.30 28.20
N GLU A 128 -4.08 -6.04 28.66
CA GLU A 128 -4.38 -4.90 27.80
C GLU A 128 -5.73 -5.01 27.09
N LYS A 129 -6.57 -5.94 27.52
CA LYS A 129 -7.89 -6.13 26.95
C LYS A 129 -8.86 -5.07 27.48
N THR A 130 -8.55 -4.55 28.66
CA THR A 130 -9.43 -3.62 29.36
C THR A 130 -8.84 -2.21 29.41
N ARG A 131 -9.67 -1.22 29.09
CA ARG A 131 -9.28 0.19 29.19
C ARG A 131 -10.07 0.86 30.31
N TYR A 132 -9.43 1.01 31.46
CA TYR A 132 -10.08 1.56 32.64
C TYR A 132 -10.36 3.06 32.50
N ALA A 133 -9.53 3.75 31.73
CA ALA A 133 -9.66 5.20 31.61
C ALA A 133 -8.87 5.79 30.44
N ILE A 134 -9.19 7.06 30.14
CA ILE A 134 -8.33 7.90 29.31
C ILE A 134 -8.03 9.16 30.11
N LEU A 135 -6.76 9.40 30.42
CA LEU A 135 -6.37 10.57 31.20
C LEU A 135 -5.67 11.59 30.30
N SER A 136 -5.94 12.87 30.54
CA SER A 136 -5.35 13.96 29.75
C SER A 136 -5.01 15.16 30.64
N GLU A 137 -4.84 16.33 30.02
CA GLU A 137 -4.34 17.53 30.69
C GLU A 137 -5.00 17.84 32.04
N GLY A 138 -4.17 17.99 33.07
CA GLY A 138 -4.66 18.31 34.40
C GLY A 138 -4.92 17.08 35.25
N GLN A 139 -4.71 15.91 34.64
CA GLN A 139 -4.85 14.66 35.35
C GLN A 139 -3.47 14.05 35.62
N PHE A 140 -3.46 13.01 36.44
CA PHE A 140 -2.20 12.37 36.82
C PHE A 140 -2.39 10.89 37.13
N PHE A 141 -1.29 10.15 37.18
CA PHE A 141 -1.34 8.71 37.40
C PHE A 141 -0.02 8.20 37.98
N GLY A 142 -0.02 6.95 38.45
CA GLY A 142 1.14 6.40 39.11
C GLY A 142 1.15 6.74 40.59
N GLU A 143 0.04 7.26 41.09
CA GLU A 143 -0.09 7.69 42.47
C GLU A 143 -0.47 6.54 43.42
N MET A 144 -1.07 5.49 42.86
CA MET A 144 -1.62 4.40 43.67
C MET A 144 -0.55 3.47 44.25
N ALA A 145 0.57 3.32 43.58
CA ALA A 145 1.63 2.41 44.03
C ALA A 145 2.19 2.79 45.40
N LEU A 146 2.10 4.06 45.77
CA LEU A 146 2.64 4.51 47.05
C LEU A 146 1.57 4.60 48.13
N ILE A 147 0.45 5.24 47.82
CA ILE A 147 -0.67 5.36 48.75
C ILE A 147 -1.15 3.99 49.24
N LEU A 148 -1.22 3.04 48.32
CA LEU A 148 -1.66 1.69 48.64
C LEU A 148 -0.49 0.78 49.01
N ARG A 149 0.73 1.30 48.90
CA ARG A 149 1.97 0.54 49.16
C ARG A 149 1.97 -0.77 48.37
N ALA A 150 1.50 -0.69 47.13
CA ALA A 150 1.37 -1.84 46.25
C ALA A 150 2.20 -1.66 45.00
N PRO A 151 2.46 -2.75 44.26
CA PRO A 151 3.05 -2.60 42.92
C PRO A 151 2.12 -1.85 41.97
N ARG A 152 2.59 -1.49 40.78
CA ARG A 152 1.74 -0.80 39.82
C ARG A 152 0.51 -1.64 39.51
N THR A 153 -0.66 -1.04 39.73
CA THR A 153 -1.94 -1.76 39.62
C THR A 153 -2.42 -1.90 38.18
N ALA A 154 -1.83 -1.13 37.26
CA ALA A 154 -2.27 -1.11 35.88
C ALA A 154 -1.19 -0.63 34.92
N THR A 155 -1.38 -0.94 33.64
CA THR A 155 -0.47 -0.50 32.59
C THR A 155 -0.91 0.86 32.02
N VAL A 156 0.03 1.79 31.84
CA VAL A 156 -0.29 3.09 31.24
C VAL A 156 0.49 3.33 29.96
N ARG A 157 -0.24 3.44 28.84
CA ARG A 157 0.37 3.75 27.54
C ARG A 157 -0.04 5.13 27.05
N ALA A 158 0.79 5.75 26.22
CA ALA A 158 0.43 7.01 25.59
C ALA A 158 -0.43 6.75 24.34
N ARG A 159 -1.46 7.57 24.16
CA ARG A 159 -2.27 7.54 22.96
C ARG A 159 -1.71 8.52 21.94
N THR A 160 -1.22 9.63 22.46
CA THR A 160 -0.66 10.72 21.67
C THR A 160 0.77 11.03 22.11
N PHE A 161 1.29 12.14 21.63
CA PHE A 161 2.51 12.70 22.19
C PHE A 161 2.12 13.37 23.50
N CYS A 162 2.84 13.04 24.57
CA CYS A 162 2.48 13.54 25.89
C CYS A 162 3.59 14.33 26.54
N ASP A 163 3.26 15.51 27.07
CA ASP A 163 4.17 16.24 27.92
C ASP A 163 3.82 15.91 29.37
N LEU A 164 4.68 15.15 30.04
CA LEU A 164 4.42 14.72 31.40
C LEU A 164 5.42 15.33 32.37
N TYR A 165 5.06 15.34 33.65
CA TYR A 165 5.97 15.75 34.69
C TYR A 165 6.13 14.59 35.66
N ARG A 166 7.37 14.14 35.84
CA ARG A 166 7.64 13.02 36.73
C ARG A 166 7.99 13.53 38.10
N LEU A 167 7.38 12.93 39.12
CA LEU A 167 7.66 13.27 40.50
C LEU A 167 8.23 12.05 41.20
N ASP A 168 9.40 12.20 41.82
CA ASP A 168 10.06 11.08 42.46
C ASP A 168 9.30 10.64 43.71
N LYS A 169 9.40 9.35 44.03
CA LYS A 169 8.71 8.77 45.18
C LYS A 169 9.07 9.47 46.49
N GLU A 170 10.33 9.89 46.60
CA GLU A 170 10.83 10.57 47.79
C GLU A 170 10.11 11.90 48.01
N THR A 171 10.04 12.72 46.97
CA THR A 171 9.33 13.99 47.07
C THR A 171 7.84 13.75 47.28
N PHE A 172 7.30 12.72 46.62
CA PHE A 172 5.90 12.35 46.74
C PHE A 172 5.49 12.02 48.17
N ASP A 173 6.27 11.18 48.85
CA ASP A 173 5.91 10.77 50.21
C ASP A 173 6.00 11.96 51.17
N ARG A 174 6.99 12.82 50.95
CA ARG A 174 7.22 14.00 51.77
C ARG A 174 6.05 14.98 51.64
N ILE A 175 5.47 15.03 50.45
CA ILE A 175 4.33 15.89 50.18
C ILE A 175 3.08 15.44 50.94
N LEU A 176 2.78 14.15 50.85
CA LEU A 176 1.63 13.57 51.53
C LEU A 176 1.68 13.82 53.03
N SER A 177 2.86 13.60 53.62
CA SER A 177 3.08 13.84 55.04
C SER A 177 2.76 15.28 55.42
N ARG A 178 3.55 16.20 54.87
CA ARG A 178 3.56 17.60 55.27
C ARG A 178 2.37 18.41 54.75
N TYR A 179 1.61 17.84 53.81
CA TYR A 179 0.49 18.53 53.22
C TYR A 179 -0.79 17.71 53.12
N PRO A 180 -1.28 17.19 54.26
CA PRO A 180 -2.56 16.50 54.14
C PRO A 180 -3.67 17.50 53.85
N GLU A 181 -4.57 17.18 52.92
CA GLU A 181 -5.56 18.13 52.42
C GLU A 181 -6.37 18.79 53.53
N ALA A 183 -3.55 15.38 50.61
CA ALA A 183 -3.00 14.04 50.59
C ALA A 183 -4.09 12.98 50.75
N ALA A 184 -5.34 13.43 50.86
CA ALA A 184 -6.46 12.54 51.12
C ALA A 184 -7.50 12.57 49.99
N GLN A 185 -7.58 13.69 49.27
CA GLN A 185 -8.41 13.76 48.08
C GLN A 185 -7.74 12.96 46.98
N ILE A 186 -6.41 12.85 47.07
CA ILE A 186 -5.65 11.94 46.23
C ILE A 186 -5.94 10.51 46.67
N GLN A 187 -5.89 10.28 47.98
CA GLN A 187 -6.16 8.97 48.55
C GLN A 187 -7.61 8.57 48.30
N GLU A 188 -8.50 9.55 48.27
CA GLU A 188 -9.90 9.31 47.94
C GLU A 188 -10.08 9.14 46.44
N LEU A 189 -9.02 9.41 45.68
CA LEU A 189 -9.03 9.16 44.24
C LEU A 189 -8.40 7.81 43.95
N ALA A 190 -7.36 7.46 44.71
CA ALA A 190 -6.71 6.16 44.57
C ALA A 190 -7.68 5.03 44.94
N VAL A 191 -8.51 5.25 45.95
CA VAL A 191 -9.51 4.28 46.38
C VAL A 191 -10.57 4.01 45.29
N ARG A 192 -11.19 5.07 44.77
CA ARG A 192 -12.27 4.92 43.80
C ARG A 192 -11.78 4.26 42.52
N ARG A 193 -10.48 4.38 42.27
CA ARG A 193 -9.83 3.68 41.17
C ARG A 193 -9.56 2.23 41.53
N LYS A 194 -9.16 2.00 42.77
CA LYS A 194 -8.95 0.64 43.26
C LYS A 194 -10.28 -0.12 43.26
N GLU A 195 -11.36 0.59 43.63
CA GLU A 195 -12.70 0.03 43.57
C GLU A 195 -13.08 -0.41 42.16
N GLU A 196 -13.03 0.53 41.21
CA GLU A 196 -13.45 0.28 39.85
C GLU A 196 -12.39 -0.52 39.07
N LEU A 197 -11.67 -1.37 39.77
CA LEU A 197 -10.55 -2.11 39.20
C LEU A 197 -10.67 -3.60 39.48
N GLU A 198 -11.57 -3.95 40.40
CA GLU A 198 -11.72 -5.34 40.83
C GLU A 198 -13.07 -5.91 40.40
N ALA B 2 9.23 5.53 -52.80
CA ALA B 2 9.88 4.50 -53.61
C ALA B 2 9.81 3.14 -52.93
N ALA B 3 8.71 2.91 -52.21
CA ALA B 3 8.55 1.70 -51.40
C ALA B 3 8.35 0.44 -52.24
N LYS B 4 7.38 0.46 -53.14
CA LYS B 4 7.04 -0.69 -53.99
C LYS B 4 8.29 -1.35 -54.57
N LEU B 5 9.30 -0.54 -54.88
CA LEU B 5 10.61 -1.06 -55.26
C LEU B 5 11.19 -1.92 -54.14
N LEU B 6 11.47 -1.28 -53.00
CA LEU B 6 11.96 -1.98 -51.81
C LEU B 6 11.05 -3.15 -51.44
N HIS B 7 9.75 -2.97 -51.67
CA HIS B 7 8.78 -4.04 -51.51
C HIS B 7 9.02 -5.15 -52.54
N ARG B 8 8.88 -4.81 -53.82
CA ARG B 8 9.09 -5.77 -54.91
C ARG B 8 10.47 -6.40 -54.87
N GLU B 9 11.43 -5.70 -54.26
CA GLU B 9 12.75 -6.25 -54.01
C GLU B 9 12.63 -7.52 -53.18
N ARG B 10 11.69 -7.53 -52.25
CA ARG B 10 11.51 -8.65 -51.32
C ARG B 10 10.37 -9.59 -51.72
N MET B 11 10.24 -9.82 -53.02
CA MET B 11 9.40 -10.90 -53.52
C MET B 11 10.22 -11.65 -54.55
N GLU B 12 10.76 -10.88 -55.51
CA GLU B 12 11.66 -11.42 -56.52
C GLU B 12 12.88 -12.08 -55.89
N ARG B 13 13.44 -11.44 -54.87
CA ARG B 13 14.60 -11.99 -54.16
C ARG B 13 14.26 -13.32 -53.50
N VAL B 14 13.01 -13.47 -53.08
CA VAL B 14 12.53 -14.72 -52.51
C VAL B 14 12.06 -15.64 -53.65
N THR B 15 11.52 -15.04 -54.71
CA THR B 15 11.17 -15.76 -55.93
C THR B 15 12.42 -16.40 -56.53
N ALA B 16 13.56 -15.79 -56.24
CA ALA B 16 14.85 -16.24 -56.75
C ALA B 16 15.32 -17.57 -56.14
N PHE B 17 15.07 -17.77 -54.85
CA PHE B 17 15.50 -19.00 -54.18
C PHE B 17 14.79 -20.21 -54.76
N LEU B 18 13.46 -20.15 -54.78
CA LEU B 18 12.62 -21.25 -55.22
C LEU B 18 12.82 -21.56 -56.69
N SER B 19 13.10 -20.51 -57.47
CA SER B 19 13.39 -20.65 -58.89
C SER B 19 14.48 -21.68 -59.11
N TYR B 20 15.56 -21.57 -58.35
CA TYR B 20 16.65 -22.55 -58.41
C TYR B 20 16.17 -23.91 -57.90
N LYS B 21 15.34 -23.91 -56.86
CA LYS B 21 14.90 -25.15 -56.23
C LYS B 21 13.89 -25.95 -57.06
N LYS B 22 13.64 -25.52 -58.30
CA LYS B 22 12.72 -26.20 -59.20
C LYS B 22 11.35 -26.46 -58.58
N ILE B 23 10.68 -25.38 -58.18
CA ILE B 23 9.39 -25.45 -57.49
C ILE B 23 8.22 -25.62 -58.48
N SER B 24 7.17 -26.33 -58.06
CA SER B 24 5.98 -26.52 -58.89
C SER B 24 5.17 -25.24 -59.02
N PRO B 25 4.52 -25.04 -60.18
CA PRO B 25 3.75 -23.83 -60.48
C PRO B 25 2.62 -23.57 -59.48
N GLU B 26 1.83 -24.59 -59.15
CA GLU B 26 0.82 -24.48 -58.10
C GLU B 26 1.43 -23.88 -56.85
N LEU B 27 2.44 -24.56 -56.31
CA LEU B 27 3.19 -24.07 -55.17
C LEU B 27 3.77 -22.68 -55.47
N GLN B 28 4.43 -22.53 -56.61
CA GLN B 28 5.01 -21.27 -57.04
C GLN B 28 3.97 -20.15 -57.06
N ARG B 29 2.74 -20.52 -57.38
CA ARG B 29 1.62 -19.58 -57.42
C ARG B 29 1.15 -19.18 -56.02
N ARG B 30 0.98 -20.16 -55.13
CA ARG B 30 0.49 -19.90 -53.79
C ARG B 30 1.47 -19.02 -53.02
N ILE B 31 2.77 -19.14 -53.32
CA ILE B 31 3.78 -18.25 -52.78
C ILE B 31 3.51 -16.81 -53.22
N LEU B 32 3.29 -16.63 -54.52
CA LEU B 32 3.11 -15.32 -55.11
C LEU B 32 1.80 -14.66 -54.68
N GLU B 33 0.72 -15.45 -54.58
CA GLU B 33 -0.55 -14.95 -54.08
C GLU B 33 -0.40 -14.36 -52.68
N TYR B 34 0.49 -14.96 -51.88
CA TYR B 34 0.73 -14.49 -50.53
C TYR B 34 1.35 -13.10 -50.51
N PHE B 35 2.46 -12.93 -51.22
CA PHE B 35 3.16 -11.65 -51.28
C PHE B 35 2.24 -10.58 -51.88
N ASP B 36 1.51 -10.95 -52.92
CA ASP B 36 0.47 -10.09 -53.49
C ASP B 36 -0.51 -9.65 -52.40
N TYR B 37 -0.94 -10.61 -51.59
CA TYR B 37 -1.79 -10.29 -50.44
C TYR B 37 -0.98 -9.54 -49.38
N LEU B 38 0.23 -10.00 -49.12
CA LEU B 38 1.11 -9.34 -48.15
C LEU B 38 1.41 -7.90 -48.54
N TRP B 39 1.39 -7.59 -49.83
CA TRP B 39 1.55 -6.19 -50.25
C TRP B 39 0.29 -5.39 -49.95
N GLU B 40 -0.87 -5.98 -50.26
CA GLU B 40 -2.15 -5.36 -49.92
C GLU B 40 -2.24 -5.10 -48.42
N THR B 41 -1.58 -5.96 -47.64
CA THR B 41 -1.48 -5.79 -46.20
C THR B 41 -0.06 -5.34 -45.85
N ARG B 42 0.23 -4.06 -46.11
CA ARG B 42 1.53 -3.41 -45.92
C ARG B 42 2.50 -3.66 -47.08
N TYR B 45 7.39 -3.44 -44.54
CA TYR B 45 7.31 -3.30 -43.10
C TYR B 45 6.02 -3.88 -42.51
N ARG B 48 5.86 -3.88 -39.05
CA ARG B 48 5.46 -3.05 -37.91
C ARG B 48 6.60 -2.88 -36.91
N GLU B 49 7.82 -3.18 -37.35
CA GLU B 49 9.03 -2.96 -36.58
C GLU B 49 9.38 -1.46 -36.54
N VAL B 50 8.74 -0.70 -37.41
CA VAL B 50 8.98 0.73 -37.57
C VAL B 50 8.62 1.58 -36.36
N LEU B 54 10.89 4.74 -29.48
CA LEU B 54 9.46 4.46 -29.47
C LEU B 54 8.91 4.47 -28.05
N PRO B 55 7.74 5.10 -27.85
CA PRO B 55 7.09 5.35 -26.56
C PRO B 55 5.64 4.82 -26.45
N PRO B 57 5.02 4.93 -25.25
CA PRO B 57 3.60 4.62 -24.98
C PRO B 57 2.59 4.98 -26.09
N LEU B 58 3.00 5.82 -27.05
CA LEU B 58 2.16 6.24 -28.16
C LEU B 58 1.58 5.08 -28.98
N ARG B 59 2.22 3.91 -28.89
CA ARG B 59 1.79 2.75 -29.68
C ARG B 59 0.33 2.38 -29.39
N LEU B 60 -0.19 2.82 -28.24
CA LEU B 60 -1.60 2.68 -27.91
C LEU B 60 -2.47 3.46 -28.89
N ALA B 61 -2.32 4.78 -28.88
CA ALA B 61 -3.15 5.67 -29.69
C ALA B 61 -3.06 5.40 -31.19
N VAL B 62 -1.88 4.99 -31.68
CA VAL B 62 -1.75 4.67 -33.10
C VAL B 62 -2.42 3.33 -33.39
N ALA B 63 -2.38 2.40 -32.43
CA ALA B 63 -3.02 1.10 -32.61
C ALA B 63 -4.54 1.20 -32.53
N MET B 64 -5.02 2.21 -31.80
CA MET B 64 -6.46 2.43 -31.64
C MET B 64 -7.08 2.99 -32.92
N GLU B 65 -6.28 3.03 -33.99
CA GLU B 65 -6.76 3.25 -35.34
C GLU B 65 -5.68 2.87 -36.34
N ASP B 69 -7.56 -0.96 -35.13
CA ASP B 69 -8.76 -0.89 -34.31
C ASP B 69 -9.89 -1.75 -34.89
N VAL B 70 -9.66 -3.06 -34.95
CA VAL B 70 -10.66 -4.00 -35.44
C VAL B 70 -11.72 -4.24 -34.36
N ILE B 71 -11.48 -3.70 -33.18
CA ILE B 71 -12.43 -3.75 -32.07
C ILE B 71 -13.77 -3.13 -32.47
N GLU B 72 -13.71 -2.19 -33.41
CA GLU B 72 -14.89 -1.53 -33.95
C GLU B 72 -15.97 -2.50 -34.43
N LYS B 73 -15.72 -3.15 -35.57
CA LYS B 73 -16.70 -4.05 -36.17
C LYS B 73 -16.72 -5.41 -35.50
N LEU B 76 -20.92 -7.10 -30.01
CA LEU B 76 -21.04 -6.98 -28.56
C LEU B 76 -20.15 -5.88 -28.01
N PHE B 77 -19.54 -5.10 -28.90
CA PHE B 77 -18.49 -4.17 -28.51
C PHE B 77 -18.95 -2.72 -28.67
N PHE B 84 -12.84 -0.52 -22.66
CA PHE B 84 -11.93 -1.65 -22.44
C PHE B 84 -10.91 -1.69 -23.58
N ILE B 85 -11.23 -0.97 -24.66
CA ILE B 85 -10.28 -0.74 -25.73
C ILE B 85 -9.13 0.16 -25.29
N ASP B 87 -7.14 -2.60 -22.77
CA ASP B 87 -6.13 -3.51 -22.24
C ASP B 87 -5.86 -4.64 -23.24
N ILE B 88 -5.85 -4.30 -24.52
CA ILE B 88 -5.95 -5.31 -25.58
C ILE B 88 -4.99 -5.12 -26.77
N ILE B 89 -4.57 -3.88 -27.03
CA ILE B 89 -3.93 -3.53 -28.30
C ILE B 89 -2.50 -4.06 -28.57
N LEU B 90 -1.60 -4.08 -27.58
CA LEU B 90 -0.27 -4.65 -27.82
C LEU B 90 -0.37 -6.12 -27.39
N HIS B 91 -1.57 -6.50 -26.97
CA HIS B 91 -1.92 -7.88 -26.71
C HIS B 91 -2.58 -8.46 -27.96
N LEU B 92 -2.90 -7.60 -28.92
CA LEU B 92 -3.39 -8.04 -30.21
C LEU B 92 -2.26 -8.11 -31.24
N GLU B 93 -1.82 -9.32 -31.55
CA GLU B 93 -0.75 -9.51 -32.52
C GLU B 93 -1.34 -9.99 -33.85
N PRO B 94 -1.14 -9.20 -34.91
CA PRO B 94 -1.71 -9.49 -36.23
C PRO B 94 -1.03 -10.66 -36.92
N VAL B 95 -1.81 -11.59 -37.47
CA VAL B 95 -1.25 -12.71 -38.22
C VAL B 95 -2.01 -12.94 -39.53
N ILE B 96 -1.43 -13.71 -40.42
CA ILE B 96 -2.03 -13.98 -41.73
C ILE B 96 -2.07 -15.48 -42.01
N TYR B 97 -3.20 -15.93 -42.54
CA TYR B 97 -3.31 -17.28 -43.07
C TYR B 97 -3.90 -17.19 -44.47
N GLY B 98 -3.27 -17.83 -45.46
CA GLY B 98 -3.84 -17.93 -46.78
C GLY B 98 -5.06 -18.81 -46.73
N PRO B 99 -5.59 -19.21 -47.90
CA PRO B 99 -6.77 -20.09 -47.87
C PRO B 99 -6.43 -21.56 -47.71
N GLY B 100 -7.24 -22.30 -46.97
CA GLY B 100 -7.11 -23.74 -46.93
C GLY B 100 -6.30 -24.33 -45.80
N GLU B 101 -5.33 -23.59 -45.25
CA GLU B 101 -4.52 -24.15 -44.18
C GLU B 101 -5.16 -23.93 -42.81
N TYR B 102 -4.42 -24.31 -41.77
CA TYR B 102 -5.00 -24.43 -40.43
C TYR B 102 -4.51 -23.38 -39.45
N ILE B 103 -5.39 -23.00 -38.55
CA ILE B 103 -5.10 -22.04 -37.50
C ILE B 103 -5.07 -22.81 -36.19
N ILE B 104 -6.12 -23.60 -35.99
CA ILE B 104 -6.33 -24.42 -34.80
C ILE B 104 -6.87 -25.80 -35.20
N ARG B 105 -6.30 -26.85 -34.63
CA ARG B 105 -6.78 -28.20 -34.85
C ARG B 105 -7.32 -28.74 -33.52
N ALA B 106 -8.42 -29.48 -33.56
CA ALA B 106 -9.16 -29.88 -32.36
C ALA B 106 -8.31 -30.57 -31.29
N GLY B 107 -7.16 -31.11 -31.67
CA GLY B 107 -6.30 -31.79 -30.71
C GLY B 107 -5.55 -30.85 -29.78
N GLU B 108 -5.23 -29.64 -30.26
CA GLU B 108 -4.31 -28.74 -29.54
C GLU B 108 -4.82 -28.30 -28.16
N LEU B 109 -3.94 -27.62 -27.43
CA LEU B 109 -4.12 -27.37 -26.00
C LEU B 109 -4.32 -25.86 -25.72
N GLY B 110 -3.74 -25.02 -26.57
CA GLY B 110 -3.79 -23.57 -26.40
C GLY B 110 -5.16 -22.96 -26.17
N SER B 111 -5.18 -21.70 -25.77
CA SER B 111 -6.43 -21.04 -25.37
C SER B 111 -6.60 -19.66 -25.98
N ASP B 112 -5.69 -19.31 -26.89
CA ASP B 112 -5.69 -18.00 -27.56
C ASP B 112 -7.00 -17.74 -28.28
N VAL B 113 -7.37 -16.47 -28.40
CA VAL B 113 -8.56 -16.10 -29.16
C VAL B 113 -8.16 -15.37 -30.44
N TYR B 114 -8.76 -15.73 -31.56
CA TYR B 114 -8.46 -15.06 -32.82
C TYR B 114 -9.60 -14.14 -33.23
N PHE B 115 -9.26 -12.90 -33.53
CA PHE B 115 -10.25 -11.95 -34.00
C PHE B 115 -10.02 -11.71 -35.49
N ILE B 116 -11.06 -11.90 -36.29
CA ILE B 116 -10.93 -11.74 -37.72
C ILE B 116 -10.84 -10.23 -38.00
N ASN B 117 -10.20 -9.79 -39.10
CA ASN B 117 -10.30 -8.39 -39.52
C ASN B 117 -11.11 -8.45 -40.77
N ARG B 118 -10.56 -9.22 -41.70
CA ARG B 118 -11.04 -9.45 -43.03
C ARG B 118 -10.56 -10.84 -43.41
N GLY B 119 -11.37 -11.58 -44.17
CA GLY B 119 -11.09 -12.99 -44.42
C GLY B 119 -12.15 -13.83 -43.76
N SER B 120 -12.17 -15.13 -44.07
CA SER B 120 -13.12 -16.03 -43.44
C SER B 120 -12.47 -17.38 -43.14
N VAL B 121 -12.94 -18.04 -42.07
CA VAL B 121 -12.41 -19.35 -41.72
C VAL B 121 -13.54 -20.37 -41.67
N GLU B 122 -13.18 -21.64 -41.54
CA GLU B 122 -14.16 -22.71 -41.38
C GLU B 122 -13.96 -23.38 -40.02
N VAL B 123 -15.06 -23.75 -39.37
CA VAL B 123 -14.98 -24.47 -38.10
C VAL B 123 -15.31 -25.93 -38.35
N LEU B 124 -14.27 -26.77 -38.43
CA LEU B 124 -14.44 -28.17 -38.81
C LEU B 124 -14.34 -29.14 -37.64
N SER B 125 -14.99 -30.30 -37.77
CA SER B 125 -14.78 -31.39 -36.81
C SER B 125 -13.37 -31.95 -36.99
N ALA B 126 -12.93 -32.77 -36.04
CA ALA B 126 -11.57 -33.30 -36.07
C ALA B 126 -11.25 -34.00 -37.39
N ASP B 127 -12.27 -34.60 -38.00
CA ASP B 127 -12.14 -35.28 -39.28
C ASP B 127 -12.28 -34.33 -40.46
N GLU B 128 -12.63 -33.08 -40.18
CA GLU B 128 -12.91 -32.06 -41.20
C GLU B 128 -14.08 -32.46 -42.10
N LYS B 129 -14.89 -33.41 -41.65
CA LYS B 129 -16.05 -33.84 -42.40
C LYS B 129 -17.26 -32.99 -42.04
N THR B 130 -17.23 -32.40 -40.85
CA THR B 130 -18.33 -31.58 -40.38
C THR B 130 -17.88 -30.13 -40.18
N ARG B 131 -18.58 -29.19 -40.80
CA ARG B 131 -18.32 -27.78 -40.54
C ARG B 131 -19.45 -27.20 -39.70
N TYR B 132 -19.09 -26.41 -38.70
CA TYR B 132 -20.06 -25.86 -37.76
C TYR B 132 -20.38 -24.41 -38.06
N ALA B 133 -19.42 -23.69 -38.62
CA ALA B 133 -19.62 -22.27 -38.90
C ALA B 133 -18.64 -21.72 -39.91
N ILE B 134 -19.16 -20.90 -40.83
CA ILE B 134 -18.34 -19.96 -41.56
C ILE B 134 -18.20 -18.74 -40.67
N LEU B 135 -16.97 -18.29 -40.45
CA LEU B 135 -16.77 -17.11 -39.62
C LEU B 135 -16.15 -15.98 -40.44
N SER B 136 -16.96 -14.94 -40.69
CA SER B 136 -16.49 -13.72 -41.33
C SER B 136 -16.15 -12.71 -40.25
N GLU B 137 -16.40 -11.42 -40.47
CA GLU B 137 -16.04 -10.45 -39.44
C GLU B 137 -17.23 -9.88 -38.65
N GLY B 138 -16.91 -9.47 -37.43
CA GLY B 138 -17.86 -9.34 -36.35
C GLY B 138 -17.48 -10.46 -35.40
N GLN B 139 -16.90 -11.51 -35.99
CA GLN B 139 -16.75 -12.81 -35.35
C GLN B 139 -15.30 -13.15 -34.97
N PHE B 140 -15.17 -14.06 -34.01
CA PHE B 140 -13.89 -14.44 -33.42
C PHE B 140 -13.91 -15.92 -33.05
N PHE B 141 -12.75 -16.48 -32.72
CA PHE B 141 -12.70 -17.90 -32.33
C PHE B 141 -11.49 -18.24 -31.46
N GLY B 142 -11.49 -19.46 -30.90
CA GLY B 142 -10.47 -19.86 -29.95
C GLY B 142 -10.87 -19.50 -28.53
N GLU B 143 -12.12 -19.12 -28.34
CA GLU B 143 -12.62 -18.65 -27.05
C GLU B 143 -13.00 -19.79 -26.12
N MET B 144 -13.44 -20.91 -26.69
CA MET B 144 -14.05 -21.99 -25.91
C MET B 144 -13.04 -22.79 -25.08
N ALA B 145 -11.75 -22.73 -25.44
CA ALA B 145 -10.73 -23.52 -24.75
C ALA B 145 -10.50 -23.06 -23.32
N LEU B 146 -10.85 -21.82 -23.00
CA LEU B 146 -10.55 -21.29 -21.68
C LEU B 146 -11.81 -21.01 -20.87
N ILE B 147 -12.83 -20.47 -21.52
CA ILE B 147 -14.17 -20.32 -20.93
C ILE B 147 -14.61 -21.65 -20.32
N LEU B 148 -14.45 -22.71 -21.09
CA LEU B 148 -14.82 -24.05 -20.68
C LEU B 148 -13.67 -24.76 -19.97
N ARG B 149 -12.50 -24.11 -19.93
CA ARG B 149 -11.27 -24.71 -19.40
C ARG B 149 -11.06 -26.09 -19.99
N ALA B 150 -10.79 -26.15 -21.29
CA ALA B 150 -10.74 -27.41 -22.04
C ALA B 150 -9.77 -27.32 -23.21
N PRO B 151 -9.43 -28.48 -23.82
CA PRO B 151 -8.64 -28.41 -25.05
C PRO B 151 -9.50 -27.97 -26.23
N ARG B 152 -8.89 -27.77 -27.40
CA ARG B 152 -9.62 -27.32 -28.59
C ARG B 152 -10.83 -28.20 -28.89
N THR B 153 -11.96 -27.55 -29.12
CA THR B 153 -13.23 -28.25 -29.27
C THR B 153 -13.48 -28.65 -30.73
N ALA B 154 -12.91 -27.87 -31.64
CA ALA B 154 -13.08 -28.08 -33.08
C ALA B 154 -11.86 -27.57 -33.85
N THR B 155 -11.84 -27.85 -35.14
CA THR B 155 -10.71 -27.45 -35.99
C THR B 155 -11.08 -26.24 -36.87
N VAL B 156 -10.16 -25.29 -36.96
CA VAL B 156 -10.41 -24.07 -37.73
C VAL B 156 -9.43 -23.91 -38.89
N ARG B 157 -9.93 -24.03 -40.12
CA ARG B 157 -9.10 -23.77 -41.29
C ARG B 157 -9.50 -22.47 -41.96
N ALA B 158 -8.54 -21.77 -42.54
CA ALA B 158 -8.84 -20.54 -43.25
C ALA B 158 -9.51 -20.84 -44.59
N ARG B 159 -10.54 -20.06 -44.93
CA ARG B 159 -11.29 -20.26 -46.16
C ARG B 159 -10.76 -19.34 -47.26
N THR B 160 -10.49 -18.09 -46.90
CA THR B 160 -9.88 -17.12 -47.80
C THR B 160 -8.50 -16.77 -47.29
N PHE B 161 -7.94 -15.69 -47.82
CA PHE B 161 -6.82 -15.05 -47.16
C PHE B 161 -7.38 -14.36 -45.93
N CYS B 162 -6.75 -14.59 -44.78
CA CYS B 162 -7.29 -14.07 -43.54
C CYS B 162 -6.36 -13.06 -42.88
N ASP B 163 -6.95 -12.00 -42.34
CA ASP B 163 -6.23 -11.00 -41.58
C ASP B 163 -6.77 -11.07 -40.15
N LEU B 164 -5.96 -11.59 -39.23
CA LEU B 164 -6.45 -11.93 -37.90
C LEU B 164 -5.66 -11.26 -36.77
N TYR B 165 -6.20 -11.35 -35.56
CA TYR B 165 -5.51 -10.87 -34.38
C TYR B 165 -5.48 -11.94 -33.30
N ARG B 166 -4.27 -12.39 -32.97
CA ARG B 166 -4.04 -13.39 -31.93
C ARG B 166 -4.20 -12.77 -30.55
N LEU B 167 -5.31 -13.06 -29.87
CA LEU B 167 -5.45 -12.59 -28.49
C LEU B 167 -4.91 -13.63 -27.52
N LYS B 169 -3.26 -15.61 -25.56
CA LYS B 169 -3.78 -15.21 -24.26
C LYS B 169 -2.64 -15.17 -23.23
N GLU B 170 -2.42 -13.98 -22.67
CA GLU B 170 -1.85 -13.82 -21.35
C GLU B 170 -2.85 -12.92 -20.64
N THR B 171 -3.76 -12.36 -21.46
CA THR B 171 -4.66 -11.30 -21.02
C THR B 171 -6.15 -11.49 -21.39
N PHE B 172 -6.48 -12.48 -22.23
CA PHE B 172 -7.88 -12.74 -22.56
C PHE B 172 -8.66 -13.08 -21.30
N ASP B 173 -8.13 -13.98 -20.49
CA ASP B 173 -8.68 -14.16 -19.15
C ASP B 173 -8.00 -13.15 -18.23
N ARG B 174 -8.53 -11.93 -18.20
CA ARG B 174 -7.98 -10.88 -17.37
C ARG B 174 -8.16 -11.19 -15.88
N LEU B 176 -10.00 -12.03 -16.11
CA LEU B 176 -11.02 -12.40 -15.09
C LEU B 176 -11.89 -11.20 -14.69
N SER B 177 -11.98 -10.20 -15.56
CA SER B 177 -12.88 -9.07 -15.29
C SER B 177 -14.33 -9.53 -15.48
N TYR B 179 -15.45 -6.32 -16.83
CA TYR B 179 -16.34 -6.56 -17.96
C TYR B 179 -16.86 -8.00 -17.96
N GLU B 181 -19.85 -8.66 -17.88
CA GLU B 181 -20.58 -7.64 -18.64
C GLU B 181 -20.69 -8.03 -20.11
N ILE B 182 -19.54 -8.28 -20.75
CA ILE B 182 -19.52 -8.76 -22.12
C ILE B 182 -18.97 -10.19 -22.16
N ALA B 183 -18.28 -10.57 -21.09
CA ALA B 183 -17.83 -11.95 -20.92
C ALA B 183 -19.04 -12.87 -20.82
N ALA B 184 -20.12 -12.34 -20.24
CA ALA B 184 -21.39 -13.06 -20.10
C ALA B 184 -21.91 -13.58 -21.45
N GLN B 185 -21.77 -12.77 -22.48
CA GLN B 185 -22.32 -13.09 -23.79
C GLN B 185 -21.35 -13.93 -24.62
N ILE B 186 -20.06 -13.85 -24.30
CA ILE B 186 -19.06 -14.74 -24.89
C ILE B 186 -19.23 -16.13 -24.32
N GLN B 187 -19.29 -16.21 -23.00
CA GLN B 187 -19.49 -17.47 -22.27
C GLN B 187 -20.82 -18.12 -22.64
N GLU B 188 -21.82 -17.31 -23.00
CA GLU B 188 -23.09 -17.82 -23.51
C GLU B 188 -22.88 -18.39 -24.90
N LEU B 189 -22.08 -17.71 -25.71
CA LEU B 189 -21.80 -18.12 -27.08
C LEU B 189 -20.99 -19.41 -27.13
N ALA B 190 -20.02 -19.53 -26.23
CA ALA B 190 -19.23 -20.76 -26.12
C ALA B 190 -20.13 -21.94 -25.80
N VAL B 191 -21.04 -21.75 -24.84
CA VAL B 191 -22.05 -22.74 -24.51
C VAL B 191 -22.95 -23.03 -25.71
N ARG B 192 -23.43 -21.97 -26.35
CA ARG B 192 -24.30 -22.10 -27.53
C ARG B 192 -23.68 -22.96 -28.62
N ARG B 193 -22.36 -22.91 -28.72
CA ARG B 193 -21.63 -23.66 -29.73
C ARG B 193 -21.39 -25.10 -29.31
N LYS B 194 -21.06 -25.29 -28.04
CA LYS B 194 -20.87 -26.63 -27.48
C LYS B 194 -22.14 -27.46 -27.63
N GLU B 195 -23.29 -26.82 -27.47
CA GLU B 195 -24.59 -27.49 -27.60
C GLU B 195 -24.80 -28.06 -29.00
N GLU B 196 -24.59 -27.22 -30.03
CA GLU B 196 -24.69 -27.66 -31.41
C GLU B 196 -23.42 -28.41 -31.83
N LEU B 197 -22.51 -28.62 -30.87
CA LEU B 197 -21.29 -29.38 -31.11
C LEU B 197 -21.49 -30.80 -30.58
N GLU B 198 -22.69 -31.07 -30.09
CA GLU B 198 -23.03 -32.37 -29.52
C GLU B 198 -24.17 -33.03 -30.28
#